data_4ELC
#
_entry.id   4ELC
#
_cell.length_a   65.290
_cell.length_b   65.290
_cell.length_c   200.910
_cell.angle_alpha   90.00
_cell.angle_beta   90.00
_cell.angle_gamma   90.00
#
_symmetry.space_group_name_H-M   'P 43 21 2'
#
loop_
_entity.id
_entity.type
_entity.pdbx_description
1 polymer 'Botulinum neurotoxin A light chain'
2 non-polymer 'ZINC ION'
3 non-polymer IMIDAZOLE
4 non-polymer '(2S)-2-hydroxybutanedioic acid'
5 non-polymer 'DIMETHYL SULFOXIDE'
6 non-polymer 'SULFATE ION'
7 non-polymer (4S)-2-METHYL-2,4-PENTANEDIOL
8 non-polymer 'LITHIUM ION'
9 water water
#
_entity_poly.entity_id   1
_entity_poly.type   'polypeptide(L)'
_entity_poly.pdbx_seq_one_letter_code
;MGSSHHHHHHSSGLVPRGSHMPFVNKQFNYKDPVNGVDIAYIKIPNAGQMQPVKAFKIHNKIWVIPERDTFTNPEEGDLN
PPPEAKQVPVSYYDSTYLSTDNEKDNYLKGVTKLFERIYSTDLGRMLLTSIVRGIPFWGGSTIDTELKVIDTNSINVIQP
DGSYRSEELNLVIIGPSADIIQFE(0QL)KSFGHEVLNLTRNGYGSTQYIRFSPDFTFGFEESLEVDTNPLLGAGKFATD
PAVTLAHELIHAGHRLYGIAINPNRVFKVNTNAYYEMSGLEVSFEELRTFGGHDAKFIDSLQENEFRLYYYNKFKDIAST
LNKAKSIVGTTASLQYMKNVFKEKYLLSEDTSGKFSVDKLKFDKLYKMLTEIYTEDNFVKFFKVLNRKTYLNFDKAVFKI
NIVPKVNYTIYDGFNLRNTNLAANFNGQNTEINNMNFTKLKNFTGLFEF
;
_entity_poly.pdbx_strand_id   A
#
loop_
_chem_comp.id
_chem_comp.type
_chem_comp.name
_chem_comp.formula
DMS non-polymer 'DIMETHYL SULFOXIDE' 'C2 H6 O S'
IMD non-polymer IMIDAZOLE 'C3 H5 N2 1'
LI non-polymer 'LITHIUM ION' 'Li 1'
LMR non-polymer '(2S)-2-hydroxybutanedioic acid' 'C4 H6 O5'
MPD non-polymer (4S)-2-METHYL-2,4-PENTANEDIOL 'C6 H14 O2'
SO4 non-polymer 'SULFATE ION' 'O4 S -2'
ZN non-polymer 'ZINC ION' 'Zn 2'
#
# COMPACT_ATOMS: atom_id res chain seq x y z
N GLY A 13 11.00 -21.28 1.47
CA GLY A 13 10.10 -20.19 0.97
C GLY A 13 9.01 -19.89 1.97
N LEU A 14 7.93 -19.29 1.50
CA LEU A 14 6.87 -18.78 2.39
C LEU A 14 6.10 -19.98 2.97
N VAL A 15 5.36 -19.75 4.07
CA VAL A 15 4.40 -20.71 4.54
C VAL A 15 3.19 -20.69 3.61
N PRO A 16 2.98 -21.79 2.87
CA PRO A 16 1.90 -21.76 1.88
C PRO A 16 0.48 -22.00 2.43
N ARG A 17 -0.50 -21.83 1.55
CA ARG A 17 -1.89 -22.08 1.92
C ARG A 17 -2.48 -23.21 1.06
N GLY A 18 -1.73 -23.62 0.05
CA GLY A 18 -2.18 -24.65 -0.87
C GLY A 18 -2.63 -24.05 -2.19
N SER A 19 -2.91 -24.91 -3.17
CA SER A 19 -3.23 -24.44 -4.52
C SER A 19 -4.42 -23.49 -4.47
N HIS A 20 -4.37 -22.47 -5.33
CA HIS A 20 -5.36 -21.40 -5.36
C HIS A 20 -5.22 -20.73 -6.74
N MET A 21 -6.23 -19.97 -7.18
CA MET A 21 -6.17 -19.28 -8.48
CA MET A 21 -6.11 -19.32 -8.52
C MET A 21 -5.22 -18.07 -8.38
N PRO A 22 -4.53 -17.66 -9.43
CA PRO A 22 -3.63 -16.50 -9.31
C PRO A 22 -4.39 -15.21 -8.97
N PHE A 23 -3.74 -14.27 -8.30
CA PHE A 23 -4.41 -13.01 -7.99
C PHE A 23 -4.54 -12.17 -9.26
N VAL A 24 -3.56 -12.28 -10.13
CA VAL A 24 -3.55 -11.59 -11.40
C VAL A 24 -3.66 -12.64 -12.50
N ASN A 25 -4.81 -12.72 -13.13
CA ASN A 25 -5.00 -13.75 -14.14
C ASN A 25 -4.35 -13.50 -15.50
N LYS A 26 -4.04 -12.25 -15.80
CA LYS A 26 -3.32 -11.95 -17.03
C LYS A 26 -1.85 -11.64 -16.76
N GLN A 27 -0.99 -12.16 -17.62
CA GLN A 27 0.40 -11.77 -17.60
C GLN A 27 0.55 -10.59 -18.53
N PHE A 28 0.36 -9.38 -18.01
CA PHE A 28 0.37 -8.20 -18.86
C PHE A 28 1.72 -7.89 -19.48
N ASN A 29 1.68 -7.42 -20.72
CA ASN A 29 2.85 -6.86 -21.37
C ASN A 29 2.57 -5.39 -21.56
N TYR A 30 3.53 -4.54 -21.24
CA TYR A 30 3.27 -3.14 -21.31
C TYR A 30 2.79 -2.70 -22.73
N LYS A 31 3.30 -3.38 -23.74
CA LYS A 31 2.99 -2.95 -25.10
C LYS A 31 1.70 -3.57 -25.60
N ASP A 32 1.01 -4.38 -24.79
CA ASP A 32 -0.27 -5.01 -25.24
C ASP A 32 -1.18 -3.86 -25.66
N PRO A 33 -1.90 -3.98 -26.80
CA PRO A 33 -2.78 -2.86 -27.21
C PRO A 33 -3.89 -2.57 -26.24
N VAL A 34 -4.23 -1.30 -26.13
CA VAL A 34 -5.32 -0.93 -25.25
C VAL A 34 -6.61 -1.56 -25.76
N ASN A 35 -7.45 -1.94 -24.86
CA ASN A 35 -8.77 -2.56 -25.16
C ASN A 35 -9.93 -1.86 -24.48
N GLY A 36 -9.56 -0.84 -23.71
CA GLY A 36 -10.54 -0.02 -23.01
C GLY A 36 -11.29 -0.71 -21.87
N VAL A 37 -10.85 -1.90 -21.47
CA VAL A 37 -11.46 -2.60 -20.36
C VAL A 37 -10.39 -2.78 -19.25
N ASP A 38 -9.39 -3.63 -19.46
CA ASP A 38 -8.40 -3.79 -18.40
C ASP A 38 -7.04 -3.29 -18.86
N ILE A 39 -6.91 -2.90 -20.14
CA ILE A 39 -5.71 -2.12 -20.54
C ILE A 39 -6.28 -0.86 -21.20
N ALA A 40 -6.01 0.29 -20.61
CA ALA A 40 -6.76 1.45 -21.09
C ALA A 40 -6.04 2.72 -20.74
N TYR A 41 -6.21 3.75 -21.57
CA TYR A 41 -5.81 5.12 -21.13
C TYR A 41 -6.84 5.59 -20.15
N ILE A 42 -6.31 6.11 -19.02
CA ILE A 42 -7.15 6.60 -17.96
C ILE A 42 -6.80 8.03 -17.51
N LYS A 43 -7.77 8.65 -16.90
CA LYS A 43 -7.56 9.96 -16.30
C LYS A 43 -8.10 9.89 -14.86
N ILE A 44 -7.40 10.54 -13.94
CA ILE A 44 -7.89 10.68 -12.55
C ILE A 44 -8.90 11.82 -12.48
N PRO A 45 -9.84 11.75 -11.53
CA PRO A 45 -10.88 12.78 -11.53
C PRO A 45 -10.30 14.16 -11.24
N ASN A 46 -11.02 15.18 -11.72
CA ASN A 46 -10.70 16.59 -11.36
C ASN A 46 -9.33 17.03 -11.83
N ALA A 47 -8.94 16.48 -12.97
CA ALA A 47 -7.63 16.68 -13.55
C ALA A 47 -7.62 17.55 -14.79
N GLY A 48 -8.74 18.19 -15.09
CA GLY A 48 -8.72 19.13 -16.18
C GLY A 48 -8.28 18.46 -17.47
N GLN A 49 -7.20 18.99 -18.01
CA GLN A 49 -6.70 18.57 -19.30
C GLN A 49 -5.52 17.60 -19.25
N MET A 50 -5.40 16.89 -18.14
CA MET A 50 -4.32 15.94 -17.98
C MET A 50 -4.40 14.98 -19.15
N GLN A 51 -3.26 14.70 -19.77
CA GLN A 51 -3.19 13.69 -20.80
C GLN A 51 -3.46 12.37 -20.13
N PRO A 52 -4.24 11.50 -20.78
CA PRO A 52 -4.44 10.13 -20.27
C PRO A 52 -3.18 9.30 -20.15
N VAL A 53 -3.15 8.38 -19.18
CA VAL A 53 -1.99 7.48 -19.04
C VAL A 53 -2.41 6.04 -19.22
N LYS A 54 -1.59 5.26 -19.89
CA LYS A 54 -1.89 3.79 -20.03
C LYS A 54 -1.82 3.03 -18.68
N ALA A 55 -2.92 2.30 -18.36
CA ALA A 55 -2.99 1.63 -17.04
C ALA A 55 -3.50 0.24 -17.22
N PHE A 56 -3.27 -0.61 -16.23
CA PHE A 56 -3.52 -2.04 -16.34
C PHE A 56 -4.35 -2.48 -15.13
N LYS A 57 -5.52 -3.04 -15.38
CA LYS A 57 -6.31 -3.53 -14.29
C LYS A 57 -5.87 -4.95 -13.90
N ILE A 58 -5.24 -5.15 -12.74
CA ILE A 58 -4.69 -6.49 -12.39
C ILE A 58 -5.68 -7.38 -11.67
N HIS A 59 -6.69 -6.79 -11.10
CA HIS A 59 -7.68 -7.55 -10.37
C HIS A 59 -8.86 -6.61 -10.18
N ASN A 60 -10.02 -7.20 -9.84
CA ASN A 60 -11.18 -6.35 -9.57
C ASN A 60 -10.73 -5.31 -8.56
N LYS A 61 -11.03 -4.04 -8.85
CA LYS A 61 -10.77 -2.87 -7.96
C LYS A 61 -9.30 -2.44 -7.83
N ILE A 62 -8.36 -3.14 -8.47
CA ILE A 62 -6.98 -2.76 -8.31
C ILE A 62 -6.30 -2.55 -9.68
N TRP A 63 -5.72 -1.37 -9.88
CA TRP A 63 -5.08 -1.03 -11.14
C TRP A 63 -3.61 -0.69 -10.90
N VAL A 64 -2.81 -0.80 -11.95
CA VAL A 64 -1.41 -0.40 -11.92
C VAL A 64 -1.10 0.60 -13.05
N ILE A 65 -0.46 1.71 -12.70
CA ILE A 65 0.01 2.66 -13.68
C ILE A 65 1.53 2.66 -13.64
N PRO A 66 2.16 2.08 -14.64
CA PRO A 66 3.59 1.98 -14.57
C PRO A 66 4.27 3.25 -15.10
N GLU A 67 4.03 4.35 -14.44
CA GLU A 67 4.56 5.65 -14.83
C GLU A 67 5.06 6.21 -13.54
N ARG A 68 6.02 7.16 -13.64
CA ARG A 68 6.43 7.93 -12.43
C ARG A 68 5.29 8.87 -12.09
N ASP A 69 5.03 9.09 -10.82
CA ASP A 69 3.86 9.86 -10.46
C ASP A 69 4.10 11.37 -10.56
N THR A 70 3.80 11.92 -11.73
CA THR A 70 3.82 13.34 -11.97
C THR A 70 2.41 13.90 -12.06
N PHE A 71 1.43 13.05 -11.78
CA PHE A 71 0.09 13.66 -11.87
CA PHE A 71 0.05 13.44 -11.97
C PHE A 71 -0.85 13.65 -10.69
N THR A 72 -0.66 12.87 -9.64
CA THR A 72 -1.46 13.02 -8.43
C THR A 72 -1.29 14.32 -7.64
N ASN A 73 -0.06 14.73 -7.39
CA ASN A 73 0.16 15.94 -6.55
C ASN A 73 0.69 17.11 -7.39
N PRO A 74 -0.09 18.21 -7.46
CA PRO A 74 0.32 19.35 -8.27
C PRO A 74 1.69 19.88 -7.86
N GLU A 75 2.08 19.60 -6.60
CA GLU A 75 3.36 20.08 -6.06
C GLU A 75 4.55 19.24 -6.48
N GLU A 76 4.30 18.20 -7.30
CA GLU A 76 5.28 17.14 -7.59
C GLU A 76 5.29 16.71 -9.08
N GLY A 77 5.70 17.64 -9.96
CA GLY A 77 5.78 17.41 -11.41
C GLY A 77 7.18 17.16 -11.95
N ASP A 78 8.17 17.74 -11.30
CA ASP A 78 9.56 17.64 -11.74
C ASP A 78 10.23 16.43 -11.12
N LEU A 79 10.79 15.56 -11.96
CA LEU A 79 11.48 14.38 -11.45
C LEU A 79 12.95 14.68 -11.18
N ASN A 80 13.37 15.88 -11.50
CA ASN A 80 14.77 16.24 -11.38
C ASN A 80 15.23 16.32 -9.95
N PRO A 81 16.39 15.73 -9.67
CA PRO A 81 16.90 15.76 -8.30
C PRO A 81 17.18 17.19 -7.97
N PRO A 82 16.79 17.63 -6.80
CA PRO A 82 17.20 18.96 -6.37
C PRO A 82 18.75 19.09 -6.31
N PRO A 83 19.27 20.32 -6.15
CA PRO A 83 20.70 20.59 -5.83
C PRO A 83 21.27 19.64 -4.76
N GLU A 84 22.46 19.05 -4.98
CA GLU A 84 23.05 18.14 -3.97
C GLU A 84 22.92 18.69 -2.54
N ALA A 85 23.21 19.97 -2.38
CA ALA A 85 23.09 20.66 -1.08
C ALA A 85 21.69 20.59 -0.43
N LYS A 86 20.67 20.34 -1.24
CA LYS A 86 19.25 20.38 -0.85
C LYS A 86 18.62 19.03 -0.39
N GLN A 87 19.18 17.95 -0.92
CA GLN A 87 18.67 16.59 -0.73
C GLN A 87 18.89 16.01 0.69
N VAL A 88 17.85 15.49 1.31
CA VAL A 88 18.04 14.66 2.53
C VAL A 88 18.95 13.42 2.27
N PRO A 89 19.54 12.84 3.35
CA PRO A 89 20.27 11.56 3.37
C PRO A 89 19.51 10.35 2.78
N VAL A 90 18.37 10.00 3.38
CA VAL A 90 17.63 8.86 2.90
C VAL A 90 16.68 9.31 1.79
N SER A 91 17.21 9.28 0.58
CA SER A 91 16.43 9.64 -0.63
C SER A 91 17.27 9.21 -1.79
N TYR A 92 16.65 9.04 -2.95
CA TYR A 92 17.42 8.68 -4.07
C TYR A 92 16.68 9.22 -5.31
N TYR A 93 17.44 9.86 -6.18
CA TYR A 93 16.89 10.50 -7.39
C TYR A 93 17.44 9.89 -8.65
N ASP A 94 16.56 9.69 -9.62
CA ASP A 94 16.94 9.26 -10.98
C ASP A 94 15.81 9.61 -11.91
N SER A 95 15.92 10.78 -12.55
CA SER A 95 14.82 11.31 -13.36
C SER A 95 14.49 10.39 -14.55
N THR A 96 15.35 9.48 -14.95
CA THR A 96 15.06 8.62 -16.10
C THR A 96 14.41 7.31 -15.74
N TYR A 97 14.36 7.00 -14.45
CA TYR A 97 13.87 5.66 -14.13
C TYR A 97 12.38 5.56 -14.56
N LEU A 98 11.99 4.41 -15.11
CA LEU A 98 10.58 4.15 -15.54
C LEU A 98 10.18 5.07 -16.70
N SER A 99 11.14 5.44 -17.54
CA SER A 99 10.85 6.30 -18.68
C SER A 99 10.66 5.57 -20.01
N THR A 100 11.03 4.31 -20.05
CA THR A 100 11.05 3.54 -21.28
C THR A 100 10.09 2.37 -21.22
N ASP A 101 9.67 1.89 -22.39
CA ASP A 101 8.71 0.82 -22.44
C ASP A 101 9.21 -0.44 -21.74
N ASN A 102 10.48 -0.79 -21.92
CA ASN A 102 10.99 -1.99 -21.28
C ASN A 102 10.96 -1.90 -19.75
N GLU A 103 11.30 -0.74 -19.23
CA GLU A 103 11.23 -0.55 -17.80
C GLU A 103 9.78 -0.69 -17.32
N LYS A 104 8.87 -0.12 -18.06
CA LYS A 104 7.45 -0.22 -17.69
C LYS A 104 6.96 -1.66 -17.74
N ASP A 105 7.40 -2.40 -18.74
CA ASP A 105 7.06 -3.79 -18.79
C ASP A 105 7.57 -4.52 -17.56
N ASN A 106 8.84 -4.32 -17.25
CA ASN A 106 9.39 -4.93 -16.03
CA ASN A 106 9.44 -4.86 -16.01
C ASN A 106 8.72 -4.47 -14.75
N TYR A 107 8.30 -3.22 -14.69
CA TYR A 107 7.59 -2.74 -13.52
C TYR A 107 6.28 -3.52 -13.36
N LEU A 108 5.56 -3.69 -14.47
CA LEU A 108 4.32 -4.46 -14.37
CA LEU A 108 4.32 -4.44 -14.40
C LEU A 108 4.61 -5.88 -13.96
N LYS A 109 5.60 -6.53 -14.53
CA LYS A 109 5.86 -7.84 -14.14
C LYS A 109 6.30 -7.98 -12.66
N GLY A 110 7.08 -7.04 -12.22
CA GLY A 110 7.61 -7.02 -10.82
C GLY A 110 6.47 -6.81 -9.83
N VAL A 111 5.62 -5.82 -10.13
CA VAL A 111 4.44 -5.60 -9.22
C VAL A 111 3.54 -6.81 -9.21
N THR A 112 3.28 -7.35 -10.41
CA THR A 112 2.47 -8.59 -10.50
C THR A 112 2.99 -9.72 -9.64
N LYS A 113 4.29 -9.87 -9.68
CA LYS A 113 4.89 -11.00 -8.99
C LYS A 113 4.81 -10.77 -7.49
N LEU A 114 4.86 -9.49 -7.07
CA LEU A 114 4.82 -9.27 -5.61
C LEU A 114 3.44 -9.46 -5.11
N PHE A 115 2.43 -9.01 -5.85
CA PHE A 115 1.04 -9.39 -5.44
C PHE A 115 0.84 -10.88 -5.35
N GLU A 116 1.38 -11.60 -6.34
CA GLU A 116 1.20 -13.09 -6.28
C GLU A 116 1.91 -13.69 -5.06
N ARG A 117 3.09 -13.19 -4.73
CA ARG A 117 3.85 -13.64 -3.51
C ARG A 117 3.01 -13.35 -2.24
N ILE A 118 2.44 -12.15 -2.14
CA ILE A 118 1.56 -11.83 -1.02
C ILE A 118 0.37 -12.74 -1.01
N TYR A 119 -0.30 -12.91 -2.15
CA TYR A 119 -1.55 -13.67 -2.13
C TYR A 119 -1.34 -15.17 -1.90
N SER A 120 -0.12 -15.66 -2.11
CA SER A 120 0.25 -17.02 -1.82
C SER A 120 0.30 -17.34 -0.36
N THR A 121 0.28 -16.31 0.52
CA THR A 121 0.18 -16.58 1.96
C THR A 121 -1.25 -16.46 2.43
N ASP A 122 -1.65 -17.19 3.49
CA ASP A 122 -2.99 -16.89 4.02
C ASP A 122 -3.15 -15.49 4.51
N LEU A 123 -2.11 -14.90 5.13
CA LEU A 123 -2.21 -13.53 5.64
C LEU A 123 -2.47 -12.56 4.43
N GLY A 124 -1.75 -12.81 3.35
CA GLY A 124 -1.91 -11.99 2.12
C GLY A 124 -3.23 -12.17 1.43
N ARG A 125 -3.74 -13.39 1.41
CA ARG A 125 -5.07 -13.59 0.91
C ARG A 125 -6.08 -12.85 1.75
N MET A 126 -5.96 -12.91 3.07
CA MET A 126 -6.86 -12.18 3.94
C MET A 126 -6.74 -10.69 3.68
N LEU A 127 -5.54 -10.14 3.60
CA LEU A 127 -5.41 -8.66 3.45
C LEU A 127 -5.98 -8.23 2.07
N LEU A 128 -5.62 -8.96 1.01
CA LEU A 128 -6.02 -8.54 -0.35
CA LEU A 128 -6.04 -8.59 -0.32
C LEU A 128 -7.53 -8.69 -0.42
N THR A 129 -8.08 -9.68 0.29
CA THR A 129 -9.57 -9.83 0.27
C THR A 129 -10.22 -8.64 0.97
N SER A 130 -9.70 -8.27 2.11
CA SER A 130 -10.17 -7.03 2.80
C SER A 130 -10.06 -5.80 1.94
N ILE A 131 -8.97 -5.68 1.20
CA ILE A 131 -8.76 -4.55 0.31
C ILE A 131 -9.79 -4.51 -0.81
N VAL A 132 -10.12 -5.65 -1.42
CA VAL A 132 -11.09 -5.66 -2.56
C VAL A 132 -12.48 -5.37 -2.01
N ARG A 133 -12.76 -5.90 -0.80
CA ARG A 133 -14.05 -5.65 -0.16
C ARG A 133 -14.20 -4.27 0.38
N GLY A 134 -13.09 -3.55 0.59
CA GLY A 134 -13.10 -2.27 1.26
C GLY A 134 -13.52 -1.13 0.32
N ILE A 135 -14.64 -1.31 -0.39
CA ILE A 135 -15.14 -0.25 -1.31
C ILE A 135 -15.36 1.08 -0.59
N PRO A 136 -14.72 2.17 -1.07
CA PRO A 136 -14.94 3.49 -0.43
C PRO A 136 -16.46 3.76 -0.30
N PHE A 137 -16.87 4.23 0.86
CA PHE A 137 -18.29 4.42 1.11
C PHE A 137 -18.94 5.48 0.16
N TRP A 138 -20.20 5.20 -0.18
CA TRP A 138 -20.99 6.11 -1.00
C TRP A 138 -21.61 7.18 -0.14
N GLY A 139 -20.78 8.16 0.21
CA GLY A 139 -21.11 9.28 1.08
C GLY A 139 -21.30 10.56 0.28
N GLY A 140 -21.63 10.42 -1.00
CA GLY A 140 -21.53 11.55 -1.95
C GLY A 140 -22.78 12.44 -1.97
N SER A 141 -23.91 11.87 -1.56
CA SER A 141 -25.21 12.52 -1.74
C SER A 141 -25.38 13.71 -0.83
N THR A 142 -25.95 14.77 -1.40
CA THR A 142 -26.23 15.98 -0.65
C THR A 142 -27.47 15.75 0.21
N ILE A 143 -28.38 14.87 -0.24
CA ILE A 143 -29.56 14.47 0.54
C ILE A 143 -29.58 13.00 1.04
N ASP A 144 -30.18 12.74 2.20
CA ASP A 144 -30.02 11.41 2.82
C ASP A 144 -31.00 10.29 2.43
N THR A 145 -32.02 10.60 1.63
CA THR A 145 -32.92 9.55 1.09
C THR A 145 -32.27 8.80 -0.09
N GLU A 146 -31.11 9.33 -0.52
CA GLU A 146 -30.41 8.81 -1.68
C GLU A 146 -28.95 8.56 -1.33
N LEU A 147 -28.48 7.44 -1.86
CA LEU A 147 -27.10 6.97 -1.70
C LEU A 147 -26.40 7.25 -3.02
N LYS A 148 -25.29 8.01 -2.96
CA LYS A 148 -24.49 8.43 -4.12
C LYS A 148 -23.01 8.16 -3.90
N VAL A 149 -22.36 7.65 -4.94
CA VAL A 149 -20.88 7.55 -4.96
C VAL A 149 -20.19 8.92 -4.74
N ILE A 150 -18.93 8.89 -4.29
CA ILE A 150 -18.06 10.05 -4.25
C ILE A 150 -17.09 9.87 -5.44
N ASP A 151 -17.19 10.78 -6.42
CA ASP A 151 -16.61 10.43 -7.73
C ASP A 151 -15.07 10.50 -7.73
N THR A 152 -14.49 11.06 -6.67
CA THR A 152 -13.05 10.89 -6.48
C THR A 152 -12.58 9.46 -6.07
N ASN A 153 -13.52 8.53 -5.93
CA ASN A 153 -13.15 7.15 -5.73
C ASN A 153 -13.26 6.36 -7.04
N SER A 154 -13.12 7.07 -8.17
N SER A 154 -13.10 7.05 -8.17
CA SER A 154 -13.32 6.46 -9.46
CA SER A 154 -13.24 6.39 -9.45
C SER A 154 -12.17 6.93 -10.38
C SER A 154 -12.18 6.94 -10.39
N ILE A 155 -12.01 6.26 -11.53
CA ILE A 155 -11.16 6.80 -12.61
C ILE A 155 -12.00 6.82 -13.87
N ASN A 156 -11.50 7.61 -14.83
CA ASN A 156 -12.17 7.80 -16.11
C ASN A 156 -11.41 7.06 -17.18
N VAL A 157 -12.06 6.02 -17.70
CA VAL A 157 -11.41 5.11 -18.58
C VAL A 157 -11.89 5.42 -20.01
N ILE A 158 -10.94 5.56 -20.94
CA ILE A 158 -11.25 5.76 -22.32
C ILE A 158 -11.71 4.42 -22.93
N GLN A 159 -12.90 4.41 -23.49
CA GLN A 159 -13.41 3.19 -24.12
CA GLN A 159 -13.47 3.23 -24.14
C GLN A 159 -12.98 3.04 -25.59
N PRO A 160 -13.40 1.95 -26.25
CA PRO A 160 -12.83 1.83 -27.62
C PRO A 160 -13.40 2.82 -28.55
N ASP A 161 -14.54 3.42 -28.19
CA ASP A 161 -15.16 4.42 -29.04
C ASP A 161 -14.65 5.83 -28.75
N GLY A 162 -13.66 5.97 -27.85
CA GLY A 162 -13.05 7.24 -27.46
C GLY A 162 -13.81 7.98 -26.38
N SER A 163 -14.94 7.44 -25.94
CA SER A 163 -15.69 8.12 -24.86
C SER A 163 -15.13 7.66 -23.50
N TYR A 164 -15.36 8.44 -22.44
CA TYR A 164 -14.98 8.07 -21.05
C TYR A 164 -16.11 7.32 -20.32
N ARG A 165 -15.76 6.25 -19.63
CA ARG A 165 -16.67 5.76 -18.61
C ARG A 165 -15.97 5.82 -17.26
N SER A 166 -16.75 6.11 -16.24
CA SER A 166 -16.22 6.19 -14.89
CA SER A 166 -16.23 6.17 -14.88
C SER A 166 -16.25 4.79 -14.25
N GLU A 167 -15.16 4.43 -13.59
CA GLU A 167 -15.08 3.15 -12.97
C GLU A 167 -14.59 3.28 -11.52
N GLU A 168 -15.33 2.69 -10.60
CA GLU A 168 -14.94 2.69 -9.20
C GLU A 168 -13.80 1.79 -9.00
N LEU A 169 -12.88 2.23 -8.10
CA LEU A 169 -11.76 1.28 -7.79
C LEU A 169 -11.28 1.60 -6.38
N ASN A 170 -10.48 0.71 -5.86
CA ASN A 170 -10.07 0.83 -4.49
C ASN A 170 -8.56 1.20 -4.39
N LEU A 171 -7.73 0.71 -5.30
CA LEU A 171 -6.29 0.76 -5.13
C LEU A 171 -5.62 0.97 -6.51
N VAL A 172 -4.68 1.90 -6.56
CA VAL A 172 -3.83 2.07 -7.77
C VAL A 172 -2.37 2.05 -7.32
N ILE A 173 -1.53 1.25 -7.94
CA ILE A 173 -0.12 1.18 -7.65
C ILE A 173 0.45 2.01 -8.78
N ILE A 174 1.27 2.99 -8.43
CA ILE A 174 1.87 3.87 -9.46
CA ILE A 174 1.87 3.86 -9.45
C ILE A 174 3.34 4.06 -9.15
N GLY A 175 4.11 4.50 -10.14
CA GLY A 175 5.51 4.66 -9.90
C GLY A 175 5.81 5.83 -8.97
N PRO A 176 7.05 5.89 -8.48
CA PRO A 176 7.36 6.98 -7.50
C PRO A 176 7.41 8.33 -8.16
N SER A 177 7.37 9.33 -7.30
CA SER A 177 7.59 10.68 -7.81
C SER A 177 9.12 10.98 -7.82
N ALA A 178 9.53 12.21 -7.56
CA ALA A 178 10.93 12.53 -7.77
C ALA A 178 11.86 11.69 -6.88
N ASP A 179 11.50 11.52 -5.62
CA ASP A 179 12.34 10.72 -4.74
C ASP A 179 11.87 9.30 -4.90
N ILE A 180 12.74 8.51 -5.49
CA ILE A 180 12.37 7.19 -5.90
C ILE A 180 11.94 6.30 -4.73
N ILE A 181 12.53 6.50 -3.58
CA ILE A 181 12.30 5.57 -2.49
C ILE A 181 11.30 6.07 -1.46
N GLN A 182 10.56 7.12 -1.79
CA GLN A 182 9.52 7.60 -0.91
C GLN A 182 8.20 7.03 -1.46
N PHE A 183 7.59 6.14 -0.71
CA PHE A 183 6.40 5.40 -1.17
C PHE A 183 5.19 5.99 -0.52
N GLU A 184 4.86 7.21 -0.86
CA GLU A 184 3.66 7.85 -0.31
C GLU A 184 2.36 7.30 -0.87
N 0QL A 185 1.28 7.58 -0.18
CA 0QL A 185 -0.08 7.24 -0.50
CB 0QL A 185 -0.69 6.94 0.91
SG 0QL A 185 -1.32 5.33 1.08
SD 0QL A 185 -0.31 3.75 1.69
C1 0QL A 185 1.45 4.05 1.68
C2 0QL A 185 1.84 4.96 2.85
N3 0QL A 185 3.29 5.08 2.89
C 0QL A 185 -0.73 8.54 -0.80
O 0QL A 185 -0.69 9.46 0.09
N LYS A 186 -1.31 8.73 -1.99
CA LYS A 186 -2.15 9.91 -2.23
C LYS A 186 -3.61 9.45 -2.39
N SER A 187 -4.54 10.28 -1.97
CA SER A 187 -5.93 9.95 -2.26
C SER A 187 -6.64 11.31 -2.39
N PHE A 188 -7.94 11.24 -2.72
CA PHE A 188 -8.69 12.41 -3.16
C PHE A 188 -9.99 12.48 -2.39
N GLY A 189 -10.67 13.59 -2.63
CA GLY A 189 -11.95 13.83 -1.96
C GLY A 189 -11.85 14.20 -0.49
N HIS A 190 -10.65 14.54 -0.01
CA HIS A 190 -10.48 14.88 1.42
C HIS A 190 -10.24 16.37 1.70
N GLU A 191 -10.77 17.23 0.84
CA GLU A 191 -10.51 18.64 1.11
C GLU A 191 -11.36 19.14 2.32
N VAL A 192 -12.49 18.47 2.56
CA VAL A 192 -13.31 18.73 3.74
C VAL A 192 -13.43 17.55 4.71
N LEU A 193 -13.64 16.35 4.19
CA LEU A 193 -13.77 15.15 5.00
C LEU A 193 -12.45 14.42 5.03
N ASN A 194 -12.03 13.91 6.18
CA ASN A 194 -10.81 13.13 6.18
C ASN A 194 -11.28 11.71 5.96
N LEU A 195 -11.45 11.41 4.68
CA LEU A 195 -12.03 10.10 4.25
C LEU A 195 -11.27 8.87 4.80
N THR A 196 -9.96 9.01 5.01
CA THR A 196 -9.16 7.89 5.50
C THR A 196 -9.29 7.73 7.03
N ARG A 197 -9.99 8.66 7.70
CA ARG A 197 -10.11 8.60 9.16
C ARG A 197 -11.51 8.78 9.66
N ASN A 198 -12.52 8.79 8.80
CA ASN A 198 -13.88 8.92 9.26
C ASN A 198 -14.75 7.69 8.96
N GLY A 199 -14.14 6.54 8.76
CA GLY A 199 -14.88 5.34 8.40
C GLY A 199 -15.20 5.18 6.95
N TYR A 200 -15.17 6.24 6.14
CA TYR A 200 -15.65 6.10 4.72
C TYR A 200 -14.70 5.32 3.82
N GLY A 201 -13.46 5.72 3.92
CA GLY A 201 -12.36 5.22 3.07
C GLY A 201 -12.39 5.96 1.71
N SER A 202 -11.30 5.86 1.00
CA SER A 202 -11.17 6.47 -0.27
C SER A 202 -10.15 5.65 -1.08
N THR A 203 -10.21 5.78 -2.41
CA THR A 203 -9.31 5.03 -3.35
C THR A 203 -7.88 5.49 -3.03
N GLN A 204 -6.95 4.54 -2.89
CA GLN A 204 -5.60 4.89 -2.52
C GLN A 204 -4.69 4.74 -3.74
N TYR A 205 -3.84 5.73 -3.94
CA TYR A 205 -2.78 5.70 -4.94
C TYR A 205 -1.43 5.46 -4.25
N ILE A 206 -0.84 4.26 -4.38
CA ILE A 206 0.41 4.00 -3.65
C ILE A 206 1.59 4.09 -4.59
N ARG A 207 2.55 4.99 -4.32
CA ARG A 207 3.78 5.15 -5.08
C ARG A 207 4.66 4.01 -4.63
N PHE A 208 5.16 3.21 -5.57
CA PHE A 208 5.89 2.01 -5.19
C PHE A 208 6.79 1.57 -6.35
N SER A 209 7.94 0.94 -6.06
CA SER A 209 8.79 0.45 -7.14
C SER A 209 9.26 -0.90 -6.68
N PRO A 210 9.09 -1.90 -7.54
CA PRO A 210 9.66 -3.19 -7.22
C PRO A 210 11.12 -3.28 -7.70
N ASP A 211 11.67 -2.17 -8.18
CA ASP A 211 13.03 -2.19 -8.79
C ASP A 211 14.18 -1.77 -7.89
N PHE A 212 13.84 -1.39 -6.65
CA PHE A 212 14.81 -0.96 -5.64
C PHE A 212 14.44 -1.64 -4.37
N THR A 213 15.41 -1.83 -3.48
CA THR A 213 15.04 -2.27 -2.09
C THR A 213 16.08 -1.68 -1.09
N PHE A 214 15.88 -1.93 0.19
N PHE A 214 15.82 -1.81 0.20
CA PHE A 214 16.63 -1.20 1.25
CA PHE A 214 16.63 -1.15 1.24
C PHE A 214 17.49 -2.19 1.95
C PHE A 214 17.47 -2.18 1.96
N GLY A 215 18.64 -1.75 2.43
CA GLY A 215 19.52 -2.59 3.17
C GLY A 215 19.27 -2.37 4.63
N PHE A 216 19.44 -3.43 5.39
CA PHE A 216 19.33 -3.39 6.84
C PHE A 216 20.37 -4.31 7.47
N GLU A 217 20.51 -4.19 8.78
CA GLU A 217 21.48 -4.93 9.59
C GLU A 217 20.85 -6.01 10.45
N GLU A 218 21.52 -7.16 10.54
CA GLU A 218 20.89 -8.31 11.19
C GLU A 218 21.04 -8.25 12.69
N SER A 219 21.87 -7.34 13.20
CA SER A 219 22.04 -7.22 14.62
CA SER A 219 21.98 -7.24 14.64
C SER A 219 21.23 -6.03 15.09
N LEU A 220 20.44 -6.21 16.13
CA LEU A 220 19.55 -5.16 16.57
C LEU A 220 20.35 -3.95 16.98
N GLU A 221 21.50 -4.15 17.63
CA GLU A 221 22.20 -2.96 18.11
C GLU A 221 22.84 -2.19 17.00
N VAL A 222 23.06 -2.85 15.85
CA VAL A 222 23.67 -2.15 14.77
C VAL A 222 22.52 -1.51 13.95
N ASP A 223 21.45 -2.25 13.73
CA ASP A 223 20.38 -1.72 12.83
C ASP A 223 19.71 -0.46 13.42
N THR A 224 19.63 -0.37 14.76
CA THR A 224 18.98 0.75 15.45
C THR A 224 20.03 1.85 15.81
N ASN A 225 21.24 1.75 15.27
CA ASN A 225 22.28 2.74 15.46
C ASN A 225 22.55 3.48 14.15
N PRO A 226 22.51 4.78 14.13
N PRO A 226 22.48 4.82 14.14
CA PRO A 226 22.66 5.60 12.92
CA PRO A 226 22.62 5.54 12.86
C PRO A 226 24.07 5.54 12.32
C PRO A 226 24.05 5.61 12.37
N LEU A 227 25.05 5.18 13.15
CA LEU A 227 26.45 5.23 12.66
C LEU A 227 27.04 3.90 12.21
N LEU A 228 26.31 2.80 12.33
CA LEU A 228 26.94 1.50 12.06
C LEU A 228 26.21 0.75 10.95
N GLY A 229 26.96 -0.03 10.19
CA GLY A 229 26.44 -1.07 9.29
C GLY A 229 26.30 -0.49 7.90
N ALA A 230 26.45 -1.32 6.88
CA ALA A 230 26.39 -0.82 5.52
C ALA A 230 25.16 -1.34 4.79
N GLY A 231 24.36 -2.19 5.45
CA GLY A 231 23.16 -2.79 4.81
C GLY A 231 23.48 -4.10 4.22
N LYS A 232 23.90 -5.05 5.05
CA LYS A 232 24.27 -6.34 4.58
C LYS A 232 23.13 -7.10 3.99
N PHE A 233 21.96 -7.02 4.60
CA PHE A 233 20.78 -7.75 4.14
C PHE A 233 19.79 -6.83 3.42
N ALA A 234 19.14 -7.34 2.42
CA ALA A 234 18.25 -6.57 1.64
C ALA A 234 16.84 -6.95 2.09
N THR A 235 16.00 -5.95 2.19
CA THR A 235 14.62 -6.15 2.55
C THR A 235 13.92 -6.82 1.36
N ASP A 236 13.09 -7.83 1.61
CA ASP A 236 12.27 -8.39 0.50
C ASP A 236 11.21 -7.41 0.13
N PRO A 237 11.16 -7.02 -1.14
CA PRO A 237 10.20 -5.99 -1.56
C PRO A 237 8.74 -6.48 -1.42
N ALA A 238 8.48 -7.78 -1.24
CA ALA A 238 7.10 -8.18 -0.96
C ALA A 238 6.68 -7.68 0.43
N VAL A 239 7.60 -7.59 1.40
CA VAL A 239 7.29 -7.09 2.69
C VAL A 239 6.97 -5.62 2.55
N THR A 240 7.80 -4.90 1.74
CA THR A 240 7.59 -3.45 1.61
C THR A 240 6.26 -3.22 0.93
N LEU A 241 5.89 -3.99 -0.10
CA LEU A 241 4.57 -3.75 -0.73
C LEU A 241 3.48 -4.10 0.32
N ALA A 242 3.69 -5.16 1.06
CA ALA A 242 2.68 -5.51 2.08
C ALA A 242 2.48 -4.41 3.09
N HIS A 243 3.55 -3.82 3.57
CA HIS A 243 3.50 -2.69 4.44
C HIS A 243 2.64 -1.56 3.85
N GLU A 244 2.84 -1.20 2.58
CA GLU A 244 2.00 -0.14 1.98
C GLU A 244 0.53 -0.64 1.88
N LEU A 245 0.34 -1.91 1.59
CA LEU A 245 -1.04 -2.48 1.44
C LEU A 245 -1.73 -2.41 2.78
N ILE A 246 -0.99 -2.57 3.87
CA ILE A 246 -1.64 -2.55 5.23
C ILE A 246 -2.10 -1.13 5.47
N HIS A 247 -1.30 -0.15 5.14
CA HIS A 247 -1.69 1.26 5.28
C HIS A 247 -2.92 1.50 4.45
N ALA A 248 -2.89 0.99 3.24
CA ALA A 248 -4.05 1.18 2.32
C ALA A 248 -5.28 0.52 2.92
N GLY A 249 -5.13 -0.66 3.56
CA GLY A 249 -6.29 -1.32 4.22
C GLY A 249 -6.93 -0.43 5.29
N HIS A 250 -6.10 0.19 6.11
CA HIS A 250 -6.60 1.07 7.16
C HIS A 250 -7.30 2.26 6.42
N ARG A 251 -6.72 2.77 5.33
CA ARG A 251 -7.31 3.95 4.74
C ARG A 251 -8.60 3.65 4.02
N LEU A 252 -8.72 2.46 3.41
CA LEU A 252 -9.97 2.06 2.75
C LEU A 252 -11.11 1.78 3.71
N TYR A 253 -10.77 1.46 4.96
CA TYR A 253 -11.81 1.26 5.96
C TYR A 253 -11.97 2.55 6.79
N GLY A 254 -11.18 3.59 6.48
CA GLY A 254 -11.42 4.94 7.08
C GLY A 254 -10.95 4.91 8.54
N ILE A 255 -10.00 4.03 8.88
CA ILE A 255 -9.52 4.02 10.28
C ILE A 255 -8.05 4.27 10.44
N ALA A 256 -7.40 4.91 9.46
CA ALA A 256 -6.04 5.35 9.65
C ALA A 256 -5.91 6.36 10.81
N ILE A 257 -4.73 6.42 11.44
CA ILE A 257 -4.63 7.29 12.63
C ILE A 257 -3.97 8.59 12.12
N ASN A 258 -4.53 9.76 12.46
CA ASN A 258 -3.94 11.05 12.11
C ASN A 258 -2.43 11.04 12.36
N PRO A 259 -1.63 11.40 11.38
CA PRO A 259 -0.17 11.34 11.55
C PRO A 259 0.33 12.35 12.58
N ASN A 260 -0.54 13.21 13.06
CA ASN A 260 -0.15 14.07 14.15
C ASN A 260 -0.16 13.33 15.51
N ARG A 261 -0.63 12.05 15.54
CA ARG A 261 -0.58 11.27 16.75
C ARG A 261 0.70 10.46 16.69
N VAL A 262 1.66 10.81 17.54
CA VAL A 262 3.03 10.34 17.42
C VAL A 262 3.63 9.85 18.73
N PHE A 263 4.59 8.96 18.61
CA PHE A 263 5.41 8.55 19.71
C PHE A 263 6.73 9.32 19.62
N LYS A 264 7.00 10.09 20.68
CA LYS A 264 8.13 10.98 20.76
C LYS A 264 9.16 10.01 21.28
N VAL A 265 9.98 9.51 20.38
CA VAL A 265 10.66 8.25 20.66
C VAL A 265 11.67 8.47 21.77
N ASN A 266 11.57 7.68 22.83
CA ASN A 266 12.51 7.76 23.94
C ASN A 266 13.09 6.39 24.29
N THR A 267 12.95 5.44 23.37
CA THR A 267 13.47 4.14 23.64
C THR A 267 14.72 3.90 22.81
N ASN A 268 15.23 4.93 22.16
CA ASN A 268 16.38 4.80 21.30
C ASN A 268 17.07 6.13 21.46
N ALA A 269 18.26 6.09 22.06
CA ALA A 269 19.01 7.31 22.42
C ALA A 269 19.18 8.27 21.24
N TYR A 270 19.39 7.71 20.04
CA TYR A 270 19.66 8.46 18.82
C TYR A 270 18.40 9.13 18.32
N TYR A 271 17.26 8.44 18.42
CA TYR A 271 16.01 9.11 18.07
C TYR A 271 15.78 10.31 19.03
N GLU A 272 15.97 10.03 20.31
CA GLU A 272 15.70 11.02 21.37
C GLU A 272 16.52 12.27 21.24
N MET A 273 17.79 12.10 20.88
CA MET A 273 18.73 13.19 20.94
C MET A 273 18.45 14.12 19.77
N SER A 274 17.88 13.56 18.71
CA SER A 274 17.39 14.31 17.58
C SER A 274 15.88 14.68 17.65
N GLY A 275 15.20 14.29 18.73
CA GLY A 275 13.79 14.58 18.89
C GLY A 275 12.93 13.98 17.76
N LEU A 276 13.33 12.81 17.27
CA LEU A 276 12.58 12.15 16.20
C LEU A 276 11.30 11.59 16.73
N GLU A 277 10.24 11.73 15.93
CA GLU A 277 8.92 11.27 16.30
C GLU A 277 8.47 10.27 15.24
N VAL A 278 7.64 9.31 15.63
CA VAL A 278 7.12 8.30 14.69
C VAL A 278 5.63 8.20 14.88
N SER A 279 4.86 8.28 13.80
CA SER A 279 3.41 8.27 13.94
C SER A 279 2.89 6.94 14.50
N PHE A 280 1.83 7.02 15.29
CA PHE A 280 1.14 5.82 15.66
C PHE A 280 0.75 4.92 14.47
N GLU A 281 0.28 5.55 13.42
CA GLU A 281 -0.06 4.82 12.23
C GLU A 281 1.08 3.97 11.70
N GLU A 282 2.34 4.44 11.80
CA GLU A 282 3.49 3.54 11.47
C GLU A 282 3.78 2.41 12.47
N LEU A 283 3.70 2.69 13.78
CA LEU A 283 3.90 1.66 14.80
C LEU A 283 2.85 0.59 14.65
N ARG A 284 1.60 1.02 14.43
CA ARG A 284 0.50 0.08 14.23
C ARG A 284 0.81 -0.84 13.03
N THR A 285 1.29 -0.24 11.95
CA THR A 285 1.45 -0.99 10.71
C THR A 285 2.61 -1.96 10.85
N PHE A 286 3.69 -1.52 11.47
CA PHE A 286 4.78 -2.44 11.77
C PHE A 286 4.34 -3.65 12.67
N GLY A 287 3.69 -3.31 13.74
CA GLY A 287 3.19 -4.40 14.62
C GLY A 287 4.28 -4.83 15.61
N GLY A 288 4.25 -6.11 16.00
CA GLY A 288 5.30 -6.65 16.88
C GLY A 288 5.38 -5.82 18.16
N HIS A 289 6.60 -5.64 18.65
N HIS A 289 6.60 -5.66 18.67
CA HIS A 289 6.76 -4.91 19.92
CA HIS A 289 6.82 -4.92 19.91
C HIS A 289 6.48 -3.44 19.75
C HIS A 289 6.68 -3.41 19.76
N ASP A 290 6.68 -2.94 18.52
CA ASP A 290 6.45 -1.51 18.22
C ASP A 290 5.06 -0.99 18.53
N ALA A 291 4.06 -1.79 18.22
CA ALA A 291 2.66 -1.36 18.47
C ALA A 291 2.35 -1.10 19.98
N LYS A 292 3.13 -1.74 20.85
CA LYS A 292 3.03 -1.46 22.26
C LYS A 292 3.45 -0.08 22.64
N PHE A 293 4.13 0.65 21.78
CA PHE A 293 4.41 2.06 22.14
C PHE A 293 3.28 2.98 21.84
N ILE A 294 2.17 2.46 21.37
CA ILE A 294 1.03 3.32 21.22
C ILE A 294 0.33 3.42 22.56
N ASP A 295 0.13 4.64 23.02
CA ASP A 295 -0.45 4.80 24.32
C ASP A 295 -1.81 4.15 24.34
N SER A 296 -2.01 3.28 25.31
CA SER A 296 -3.23 2.51 25.40
C SER A 296 -4.43 3.41 25.59
N LEU A 297 -4.29 4.49 26.34
CA LEU A 297 -5.41 5.40 26.51
C LEU A 297 -5.79 5.99 25.18
N GLN A 298 -4.80 6.40 24.41
CA GLN A 298 -5.07 6.96 23.10
C GLN A 298 -5.64 5.88 22.20
N GLU A 299 -5.10 4.68 22.28
CA GLU A 299 -5.60 3.61 21.45
C GLU A 299 -7.05 3.31 21.77
N ASN A 300 -7.40 3.30 23.04
CA ASN A 300 -8.78 3.04 23.39
C ASN A 300 -9.72 4.12 22.86
N GLU A 301 -9.25 5.36 22.88
CA GLU A 301 -9.96 6.53 22.35
C GLU A 301 -10.21 6.31 20.85
N PHE A 302 -9.14 5.95 20.15
CA PHE A 302 -9.22 5.70 18.70
C PHE A 302 -10.28 4.67 18.39
N ARG A 303 -10.26 3.54 19.10
CA ARG A 303 -11.28 2.50 18.83
C ARG A 303 -12.69 3.00 18.97
N LEU A 304 -12.94 3.74 20.05
CA LEU A 304 -14.25 4.30 20.27
C LEU A 304 -14.66 5.30 19.18
N TYR A 305 -13.72 6.12 18.76
CA TYR A 305 -13.93 7.07 17.72
C TYR A 305 -14.31 6.39 16.44
N TYR A 306 -13.56 5.30 16.09
CA TYR A 306 -13.87 4.63 14.81
C TYR A 306 -15.18 3.87 14.89
N TYR A 307 -15.47 3.32 16.07
CA TYR A 307 -16.72 2.68 16.28
C TYR A 307 -17.90 3.64 16.03
N ASN A 308 -17.81 4.87 16.56
CA ASN A 308 -18.82 5.89 16.30
C ASN A 308 -18.95 6.28 14.84
N LYS A 309 -17.84 6.28 14.12
CA LYS A 309 -17.92 6.63 12.70
C LYS A 309 -18.65 5.54 11.98
N PHE A 310 -18.51 4.29 12.43
CA PHE A 310 -19.13 3.17 11.75
C PHE A 310 -20.64 3.24 12.03
N LYS A 311 -20.98 3.73 13.22
CA LYS A 311 -22.39 3.89 13.59
C LYS A 311 -22.99 4.99 12.69
N ASP A 312 -22.24 6.06 12.43
CA ASP A 312 -22.72 7.08 11.48
C ASP A 312 -23.00 6.50 10.11
N ILE A 313 -22.17 5.55 9.66
CA ILE A 313 -22.35 4.96 8.36
C ILE A 313 -23.62 4.10 8.36
N ALA A 314 -23.81 3.37 9.44
CA ALA A 314 -25.00 2.52 9.51
C ALA A 314 -26.24 3.43 9.43
N SER A 315 -26.22 4.56 10.11
CA SER A 315 -27.38 5.53 10.10
C SER A 315 -27.64 6.09 8.71
N THR A 316 -26.55 6.50 8.05
CA THR A 316 -26.62 6.93 6.68
C THR A 316 -27.27 5.90 5.78
N LEU A 317 -26.80 4.66 5.81
CA LEU A 317 -27.39 3.59 5.06
C LEU A 317 -28.90 3.45 5.34
N ASN A 318 -29.23 3.50 6.62
CA ASN A 318 -30.62 3.34 7.08
C ASN A 318 -31.55 4.38 6.45
N LYS A 319 -31.05 5.60 6.26
CA LYS A 319 -31.88 6.65 5.66
C LYS A 319 -32.05 6.53 4.15
N ALA A 320 -31.07 5.96 3.48
CA ALA A 320 -31.16 5.80 2.02
C ALA A 320 -32.32 4.92 1.53
N LYS A 321 -33.17 5.51 0.70
CA LYS A 321 -34.26 4.72 0.14
C LYS A 321 -34.23 4.59 -1.37
N SER A 322 -33.32 5.34 -2.02
CA SER A 322 -33.04 5.12 -3.44
CA SER A 322 -33.04 5.10 -3.44
C SER A 322 -31.55 5.34 -3.71
N ILE A 323 -31.05 4.72 -4.77
CA ILE A 323 -29.66 4.87 -5.21
C ILE A 323 -29.57 5.81 -6.43
N VAL A 324 -28.44 6.49 -6.59
CA VAL A 324 -28.20 7.31 -7.79
C VAL A 324 -27.30 6.55 -8.78
N GLY A 325 -27.61 6.63 -10.07
CA GLY A 325 -26.79 5.97 -11.05
C GLY A 325 -27.38 4.62 -11.39
N THR A 326 -26.68 3.87 -12.27
CA THR A 326 -27.23 2.66 -12.87
C THR A 326 -26.23 1.48 -12.89
N THR A 327 -25.13 1.62 -12.14
CA THR A 327 -24.09 0.58 -12.02
C THR A 327 -24.61 -0.59 -11.19
N ALA A 328 -25.39 -0.25 -10.16
CA ALA A 328 -25.84 -1.22 -9.15
C ALA A 328 -27.11 -0.73 -8.47
N SER A 329 -27.85 -1.67 -7.93
CA SER A 329 -29.07 -1.37 -7.27
C SER A 329 -28.83 -0.92 -5.80
N LEU A 330 -29.82 -0.26 -5.20
CA LEU A 330 -29.72 0.18 -3.82
C LEU A 330 -29.45 -0.99 -2.88
N GLN A 331 -30.10 -2.11 -3.16
CA GLN A 331 -29.93 -3.31 -2.38
C GLN A 331 -28.52 -3.91 -2.52
N TYR A 332 -27.99 -3.97 -3.76
CA TYR A 332 -26.62 -4.40 -3.98
C TYR A 332 -25.66 -3.58 -3.07
N MET A 333 -25.84 -2.27 -3.09
CA MET A 333 -24.85 -1.38 -2.48
C MET A 333 -25.01 -1.38 -0.94
N LYS A 334 -26.26 -1.33 -0.44
CA LYS A 334 -26.45 -1.57 1.02
C LYS A 334 -25.78 -2.87 1.51
N ASN A 335 -25.94 -3.93 0.75
CA ASN A 335 -25.27 -5.18 1.07
C ASN A 335 -23.72 -5.13 0.96
N VAL A 336 -23.19 -4.49 -0.08
CA VAL A 336 -21.72 -4.30 -0.20
C VAL A 336 -21.24 -3.65 1.13
N PHE A 337 -21.95 -2.67 1.68
CA PHE A 337 -21.43 -1.99 2.90
C PHE A 337 -21.73 -2.74 4.17
N LYS A 338 -22.84 -3.44 4.16
CA LYS A 338 -23.10 -4.39 5.25
C LYS A 338 -21.98 -5.38 5.34
N GLU A 339 -21.52 -5.89 4.20
N GLU A 339 -21.51 -5.88 4.20
CA GLU A 339 -20.40 -6.80 4.17
CA GLU A 339 -20.41 -6.83 4.16
C GLU A 339 -19.15 -6.07 4.69
C GLU A 339 -19.04 -6.21 4.40
N LYS A 340 -18.88 -4.91 4.11
CA LYS A 340 -17.58 -4.25 4.33
C LYS A 340 -17.42 -3.95 5.82
N TYR A 341 -18.47 -3.43 6.45
CA TYR A 341 -18.32 -3.02 7.84
C TYR A 341 -18.87 -4.03 8.81
N LEU A 342 -19.37 -5.15 8.30
CA LEU A 342 -19.87 -6.29 9.10
C LEU A 342 -21.00 -5.83 10.01
N LEU A 343 -21.92 -5.12 9.39
CA LEU A 343 -23.07 -4.55 10.08
C LEU A 343 -24.06 -5.67 10.38
N SER A 344 -24.88 -5.43 11.41
CA SER A 344 -25.95 -6.34 11.82
C SER A 344 -27.20 -5.81 11.23
N GLU A 345 -28.12 -6.66 10.86
CA GLU A 345 -29.39 -6.15 10.35
C GLU A 345 -30.55 -6.66 11.21
N ASP A 346 -31.48 -5.79 11.59
CA ASP A 346 -32.57 -6.24 12.49
C ASP A 346 -33.80 -6.74 11.74
N THR A 347 -34.74 -7.37 12.47
CA THR A 347 -36.02 -7.87 11.87
C THR A 347 -36.66 -6.82 10.95
N SER A 348 -36.46 -5.55 11.28
CA SER A 348 -37.06 -4.47 10.49
C SER A 348 -36.22 -3.98 9.32
N GLY A 349 -34.96 -4.41 9.21
CA GLY A 349 -34.10 -4.09 8.04
C GLY A 349 -33.17 -2.90 8.33
N LYS A 350 -33.07 -2.57 9.60
CA LYS A 350 -32.23 -1.50 10.04
C LYS A 350 -30.85 -2.11 10.29
N PHE A 351 -29.79 -1.42 9.86
CA PHE A 351 -28.43 -1.85 10.15
C PHE A 351 -27.93 -1.28 11.47
N SER A 352 -27.04 -2.00 12.15
CA SER A 352 -26.40 -1.45 13.40
C SER A 352 -24.98 -1.97 13.43
N VAL A 353 -24.14 -1.36 14.26
CA VAL A 353 -22.78 -1.89 14.44
C VAL A 353 -22.76 -2.81 15.70
N ASP A 354 -22.35 -4.05 15.57
CA ASP A 354 -22.21 -4.92 16.74
C ASP A 354 -20.81 -4.74 17.36
N LYS A 355 -20.72 -4.38 18.65
CA LYS A 355 -19.42 -4.15 19.29
C LYS A 355 -18.45 -5.32 19.09
N LEU A 356 -18.91 -6.53 19.30
CA LEU A 356 -18.02 -7.69 19.08
C LEU A 356 -17.44 -7.78 17.67
N LYS A 357 -18.30 -7.56 16.68
CA LYS A 357 -17.85 -7.65 15.28
C LYS A 357 -16.98 -6.49 14.92
N PHE A 358 -17.29 -5.30 15.45
CA PHE A 358 -16.43 -4.16 15.20
C PHE A 358 -15.03 -4.51 15.75
N ASP A 359 -14.97 -5.02 16.98
CA ASP A 359 -13.67 -5.28 17.60
C ASP A 359 -12.92 -6.29 16.73
N LYS A 360 -13.62 -7.30 16.17
CA LYS A 360 -12.96 -8.28 15.31
C LYS A 360 -12.37 -7.63 14.04
N LEU A 361 -13.16 -6.76 13.41
CA LEU A 361 -12.76 -6.16 12.10
C LEU A 361 -11.61 -5.21 12.38
N TYR A 362 -11.73 -4.39 13.42
CA TYR A 362 -10.65 -3.44 13.72
C TYR A 362 -9.36 -4.17 14.03
N LYS A 363 -9.48 -5.19 14.84
CA LYS A 363 -8.29 -5.99 15.15
C LYS A 363 -7.65 -6.67 13.94
N MET A 364 -8.48 -7.24 13.06
CA MET A 364 -7.97 -7.83 11.86
C MET A 364 -7.18 -6.80 11.03
N LEU A 365 -7.75 -5.61 10.83
CA LEU A 365 -7.09 -4.63 10.00
C LEU A 365 -5.85 -3.99 10.66
N THR A 366 -5.86 -3.90 12.00
CA THR A 366 -4.79 -3.21 12.68
C THR A 366 -3.76 -4.09 13.44
N GLU A 367 -4.12 -5.30 13.84
CA GLU A 367 -3.19 -6.18 14.58
C GLU A 367 -2.79 -7.39 13.81
N ILE A 368 -3.70 -7.94 13.05
CA ILE A 368 -3.39 -9.14 12.29
C ILE A 368 -2.56 -8.75 11.04
N TYR A 369 -3.05 -7.75 10.28
CA TYR A 369 -2.30 -7.31 9.07
C TYR A 369 -1.18 -6.35 9.56
N THR A 370 0.01 -6.85 9.80
CA THR A 370 1.14 -6.05 10.17
C THR A 370 2.38 -6.56 9.47
N GLU A 371 3.36 -5.68 9.34
CA GLU A 371 4.62 -6.02 8.68
C GLU A 371 5.26 -7.25 9.35
N ASP A 372 5.33 -7.16 10.67
CA ASP A 372 5.98 -8.22 11.43
C ASP A 372 5.30 -9.54 11.18
N ASN A 373 3.96 -9.57 11.11
CA ASN A 373 3.34 -10.82 10.78
C ASN A 373 3.63 -11.30 9.38
N PHE A 374 3.79 -10.37 8.41
CA PHE A 374 4.11 -10.80 7.07
C PHE A 374 5.47 -11.42 7.05
N VAL A 375 6.41 -10.93 7.84
CA VAL A 375 7.74 -11.50 7.86
C VAL A 375 7.68 -12.97 8.25
N LYS A 376 6.82 -13.28 9.21
CA LYS A 376 6.64 -14.65 9.66
C LYS A 376 6.13 -15.57 8.56
N PHE A 377 5.20 -15.08 7.75
CA PHE A 377 4.67 -15.82 6.62
C PHE A 377 5.66 -16.04 5.50
N PHE A 378 6.45 -15.03 5.21
CA PHE A 378 7.38 -15.09 4.13
C PHE A 378 8.66 -15.81 4.50
N LYS A 379 8.92 -15.94 5.81
CA LYS A 379 10.17 -16.55 6.32
C LYS A 379 11.38 -15.84 5.76
N VAL A 380 11.32 -14.52 5.87
CA VAL A 380 12.44 -13.74 5.37
C VAL A 380 13.09 -13.08 6.53
N LEU A 381 14.31 -12.60 6.31
CA LEU A 381 14.90 -11.79 7.37
C LEU A 381 14.39 -10.34 7.14
N ASN A 382 14.25 -9.53 8.21
CA ASN A 382 13.68 -8.18 8.01
C ASN A 382 14.09 -7.37 9.22
N ARG A 383 13.94 -6.06 9.10
CA ARG A 383 14.12 -5.22 10.27
C ARG A 383 13.21 -5.70 11.39
N LYS A 384 13.68 -5.57 12.66
CA LYS A 384 12.93 -6.15 13.79
C LYS A 384 12.06 -5.08 14.43
N THR A 385 12.28 -3.85 14.00
CA THR A 385 11.53 -2.72 14.51
C THR A 385 11.43 -1.69 13.41
N TYR A 386 10.37 -0.86 13.44
CA TYR A 386 10.42 0.34 12.61
C TYR A 386 11.43 1.42 13.14
N LEU A 387 11.77 1.32 14.42
CA LEU A 387 12.63 2.36 15.08
C LEU A 387 14.08 2.14 14.83
N ASN A 388 14.47 2.14 13.57
CA ASN A 388 15.85 1.81 13.25
C ASN A 388 16.32 2.86 12.27
N PHE A 389 17.46 2.64 11.63
CA PHE A 389 17.93 3.63 10.69
C PHE A 389 18.17 2.91 9.38
N ASP A 390 17.69 3.48 8.25
CA ASP A 390 18.06 2.84 6.97
C ASP A 390 19.58 2.88 6.68
N LYS A 391 20.09 1.84 6.03
CA LYS A 391 21.53 1.74 5.77
C LYS A 391 21.89 2.01 4.34
N ALA A 392 21.06 1.55 3.42
CA ALA A 392 21.47 1.65 1.99
C ALA A 392 20.27 1.34 1.09
N VAL A 393 20.37 1.81 -0.18
CA VAL A 393 19.36 1.45 -1.20
C VAL A 393 20.07 0.69 -2.31
N PHE A 394 19.40 -0.34 -2.83
CA PHE A 394 19.97 -1.24 -3.87
C PHE A 394 19.06 -1.26 -5.07
N LYS A 395 19.64 -1.38 -6.26
CA LYS A 395 18.91 -1.67 -7.50
CA LYS A 395 18.92 -1.67 -7.50
C LYS A 395 18.83 -3.18 -7.55
N ILE A 396 17.63 -3.69 -7.89
CA ILE A 396 17.38 -5.13 -8.02
C ILE A 396 16.53 -5.39 -9.25
N ASN A 397 16.37 -6.68 -9.57
CA ASN A 397 15.46 -7.07 -10.66
C ASN A 397 14.88 -8.40 -10.32
N ILE A 398 13.62 -8.38 -9.90
CA ILE A 398 12.98 -9.56 -9.36
C ILE A 398 12.21 -10.28 -10.42
N VAL A 399 12.24 -9.77 -11.65
CA VAL A 399 11.45 -10.41 -12.71
C VAL A 399 11.92 -11.78 -13.15
N PRO A 400 13.23 -11.94 -13.39
CA PRO A 400 13.65 -13.29 -13.81
C PRO A 400 13.49 -14.31 -12.65
N LYS A 401 12.89 -15.47 -12.92
CA LYS A 401 12.79 -16.52 -11.88
C LYS A 401 14.12 -17.03 -11.32
N VAL A 402 15.21 -16.83 -12.06
CA VAL A 402 16.53 -17.16 -11.53
C VAL A 402 16.97 -16.18 -10.44
N ASN A 403 16.27 -15.05 -10.33
CA ASN A 403 16.62 -14.02 -9.32
C ASN A 403 15.66 -14.05 -8.15
N TYR A 404 14.37 -14.32 -8.40
CA TYR A 404 13.38 -14.15 -7.35
C TYR A 404 12.14 -14.88 -7.72
N THR A 405 11.54 -15.61 -6.80
CA THR A 405 10.31 -16.33 -7.10
C THR A 405 9.18 -15.99 -6.20
N ILE A 406 8.01 -16.28 -6.71
CA ILE A 406 6.78 -16.06 -5.91
C ILE A 406 6.92 -16.77 -4.57
N TYR A 407 7.41 -18.02 -4.54
CA TYR A 407 7.39 -18.83 -3.31
C TYR A 407 8.59 -18.52 -2.41
N ASP A 408 9.73 -18.15 -2.96
CA ASP A 408 10.90 -18.08 -2.11
C ASP A 408 11.51 -16.69 -2.06
N GLY A 409 10.94 -15.71 -2.78
CA GLY A 409 11.65 -14.47 -2.93
C GLY A 409 13.06 -14.64 -3.39
N PHE A 410 14.03 -14.01 -2.71
CA PHE A 410 15.43 -14.17 -3.09
C PHE A 410 16.07 -15.50 -2.69
N ASN A 411 15.45 -16.16 -1.72
CA ASN A 411 16.06 -17.27 -0.96
C ASN A 411 15.68 -18.58 -1.69
N LEU A 412 16.13 -18.66 -2.93
CA LEU A 412 15.73 -19.68 -3.83
C LEU A 412 16.08 -21.11 -3.40
N ARG A 413 15.04 -21.95 -3.36
CA ARG A 413 15.24 -23.37 -3.05
C ARG A 413 16.11 -24.01 -4.09
N ASN A 414 16.83 -25.05 -3.68
CA ASN A 414 17.75 -25.77 -4.58
C ASN A 414 18.79 -24.87 -5.14
N THR A 415 19.22 -23.90 -4.32
CA THR A 415 20.39 -23.12 -4.63
C THR A 415 21.13 -22.88 -3.32
N ASN A 416 22.32 -22.32 -3.43
CA ASN A 416 23.08 -21.91 -2.26
C ASN A 416 22.38 -20.74 -1.54
N LEU A 417 21.30 -20.20 -2.14
CA LEU A 417 20.59 -19.09 -1.48
C LEU A 417 19.46 -19.51 -0.58
N ALA A 418 19.17 -20.81 -0.52
CA ALA A 418 17.94 -21.25 0.16
C ALA A 418 18.05 -21.17 1.68
N ALA A 419 19.25 -21.36 2.20
CA ALA A 419 19.44 -21.38 3.64
C ALA A 419 19.95 -20.03 4.18
N ASN A 420 19.70 -19.81 5.47
CA ASN A 420 20.27 -18.70 6.24
C ASN A 420 20.05 -17.37 5.60
N PHE A 421 18.96 -17.28 4.82
CA PHE A 421 18.63 -16.02 4.17
C PHE A 421 19.78 -15.56 3.22
N ASN A 422 20.55 -16.54 2.71
CA ASN A 422 21.64 -16.22 1.83
C ASN A 422 21.19 -15.35 0.65
N GLY A 423 19.95 -15.58 0.19
CA GLY A 423 19.49 -14.85 -1.00
C GLY A 423 19.35 -13.36 -0.70
N GLN A 424 19.03 -13.03 0.57
CA GLN A 424 18.92 -11.60 0.98
C GLN A 424 20.24 -11.05 1.42
N ASN A 425 21.23 -11.93 1.52
CA ASN A 425 22.55 -11.47 2.02
C ASN A 425 23.20 -10.87 0.79
N THR A 426 23.40 -9.56 0.79
CA THR A 426 23.89 -8.87 -0.40
C THR A 426 25.38 -9.08 -0.61
N GLU A 427 26.06 -9.72 0.32
CA GLU A 427 27.48 -10.11 0.03
C GLU A 427 27.58 -11.46 -0.66
N ILE A 428 26.82 -12.45 -0.23
CA ILE A 428 26.77 -13.75 -0.89
C ILE A 428 26.04 -13.61 -2.24
N ASN A 429 24.93 -12.92 -2.25
CA ASN A 429 24.10 -12.90 -3.46
C ASN A 429 24.32 -11.62 -4.18
N ASN A 430 25.59 -11.27 -4.38
CA ASN A 430 25.95 -9.92 -4.75
C ASN A 430 25.55 -9.59 -6.18
N MET A 431 25.28 -10.62 -7.01
CA MET A 431 24.85 -10.37 -8.43
C MET A 431 23.44 -9.80 -8.54
N ASN A 432 22.69 -9.90 -7.44
CA ASN A 432 21.29 -9.49 -7.39
C ASN A 432 21.06 -8.12 -6.82
N PHE A 433 22.16 -7.46 -6.41
CA PHE A 433 22.06 -6.15 -5.76
C PHE A 433 23.15 -5.22 -6.31
N THR A 434 22.76 -4.01 -6.73
CA THR A 434 23.73 -2.96 -7.00
C THR A 434 23.49 -1.85 -6.02
N LYS A 435 24.48 -1.59 -5.14
CA LYS A 435 24.24 -0.58 -4.14
C LYS A 435 24.36 0.82 -4.76
N LEU A 436 23.34 1.62 -4.57
CA LEU A 436 23.28 2.93 -5.21
C LEU A 436 23.71 4.03 -4.27
N LYS A 437 23.37 3.87 -2.99
CA LYS A 437 23.73 4.92 -2.03
C LYS A 437 23.81 4.33 -0.65
N ASN A 438 24.78 4.87 0.07
N ASN A 438 24.84 4.69 0.11
CA ASN A 438 24.93 4.66 1.47
CA ASN A 438 24.81 4.31 1.53
C ASN A 438 24.19 5.71 2.28
C ASN A 438 24.44 5.50 2.40
N PHE A 439 23.47 5.26 3.28
CA PHE A 439 22.91 6.25 4.13
C PHE A 439 23.62 6.42 5.47
N THR A 440 24.24 5.35 5.95
CA THR A 440 24.95 5.44 7.20
C THR A 440 26.03 6.52 7.17
N GLY A 441 26.07 7.37 8.20
CA GLY A 441 27.12 8.41 8.28
C GLY A 441 26.67 9.73 7.64
N LEU A 442 25.44 9.75 7.16
CA LEU A 442 24.89 10.92 6.49
C LEU A 442 23.86 11.40 7.47
N PHE A 443 23.53 10.50 8.41
CA PHE A 443 22.69 10.91 9.52
C PHE A 443 23.30 12.08 10.28
N GLU A 444 22.40 12.80 10.94
CA GLU A 444 22.67 14.08 11.55
C GLU A 444 23.13 13.83 13.00
N PHE A 445 24.31 13.21 13.09
CA PHE A 445 25.00 12.87 14.36
C PHE A 445 26.52 12.90 14.09
ZN ZN B . 4.55 3.01 6.69
N1 IMD C . 11.21 1.16 3.81
C2 IMD C . 11.30 -0.17 4.06
N3 IMD C . 12.44 -0.46 4.73
C4 IMD C . 13.09 0.73 4.90
C5 IMD C . 12.33 1.74 4.32
N1 IMD D . 12.74 3.65 10.05
C2 IMD D . 11.48 3.55 9.66
N3 IMD D . 11.40 3.89 8.34
C4 IMD D . 12.64 4.19 7.89
C5 IMD D . 13.51 4.06 8.98
C1 LMR E . 5.95 3.88 4.36
O1A LMR E . 4.82 3.52 4.78
O1B LMR E . 6.21 4.05 3.13
C2 LMR E . 7.07 4.04 5.35
O2 LMR E . 6.66 3.51 6.59
C3 LMR E . 8.11 3.06 4.90
C4 LMR E . 9.32 3.08 5.80
O4A LMR E . 9.68 2.01 6.32
O4B LMR E . 9.99 4.14 5.99
S DMS F . -7.51 12.37 4.43
O DMS F . -8.33 11.35 5.57
C1 DMS F . -6.06 13.02 5.31
C2 DMS F . -6.60 11.37 3.20
S SO4 G . -14.86 -16.05 12.34
O1 SO4 G . -16.25 -16.44 12.15
O2 SO4 G . -14.31 -15.37 11.17
O3 SO4 G . -14.64 -15.21 13.51
O4 SO4 G . -14.15 -17.27 12.58
S SO4 H . -18.21 -5.66 -7.36
O1 SO4 H . -18.69 -6.88 -7.96
O2 SO4 H . -16.88 -5.96 -6.71
O3 SO4 H . -17.99 -4.74 -8.47
O4 SO4 H . -19.20 -5.20 -6.33
C1 MPD I . 29.29 0.45 1.63
C2 MPD I . 30.22 0.13 0.49
O2 MPD I . 29.45 -0.46 -0.56
CM MPD I . 30.81 1.43 -0.02
C3 MPD I . 31.30 -0.85 0.95
C4 MPD I . 32.52 -0.93 0.03
O4 MPD I . 33.56 -0.13 0.57
C5 MPD I . 33.04 -2.35 -0.12
C1 MPD J . 17.94 -21.56 6.72
C2 MPD J . 16.47 -21.36 7.08
O2 MPD J . 15.89 -20.22 6.42
CM MPD J . 15.69 -22.58 6.63
C3 MPD J . 16.34 -21.10 8.58
C4 MPD J . 17.15 -19.87 9.02
O4 MPD J . 18.28 -20.23 9.76
C5 MPD J . 17.69 -19.10 7.83
S DMS K . 20.25 -5.27 -10.67
O DMS K . 21.29 -6.01 -9.41
C1 DMS K . 21.11 -3.74 -10.99
C2 DMS K . 20.67 -6.19 -12.17
S DMS L . -8.05 9.62 14.17
O DMS L . -6.48 10.31 14.48
C1 DMS L . -8.39 8.75 15.71
C2 DMS L . -9.17 11.05 14.42
LI LI M . 26.18 -6.19 -7.50
LI LI N . 16.83 4.70 -16.15
LI LI O . 11.73 -20.91 -5.76
#